data_4YN8
#
_entry.id   4YN8
#
_cell.length_a   84.880
_cell.length_b   84.880
_cell.length_c   169.300
_cell.angle_alpha   90.000
_cell.angle_beta   90.000
_cell.angle_gamma   90.000
#
_symmetry.space_group_name_H-M   'I 41 2 2'
#
loop_
_entity.id
_entity.type
_entity.pdbx_description
1 polymer 'Response regulator ChrA'
2 non-polymer 'SULFATE ION'
3 non-polymer 'MAGNESIUM ION'
4 water water
#
_entity_poly.entity_id   1
_entity_poly.type   'polypeptide(L)'
_entity_poly.pdbx_seq_one_letter_code
;GPLGSIRVMLIDDHPVVRAGLRSILDSFDDITVVAEASDGSNINTKGIDVVVTDIQMPGTDGITLTRALANAGGPPVLIL
TTYDTEADILAAVEAGAMGYLLKDAPESALHDAVVATFEGRRTLAPEVANALMQRVSKPRQALSAREIEILQNLEQGLSN
RQLAAKLFISEATVKTHLVHIYSKLGVDNRTAAITAARQQRLI
;
_entity_poly.pdbx_strand_id   A
#
loop_
_chem_comp.id
_chem_comp.type
_chem_comp.name
_chem_comp.formula
MG non-polymer 'MAGNESIUM ION' 'Mg 2'
SO4 non-polymer 'SULFATE ION' 'O4 S -2'
#
# COMPACT_ATOMS: atom_id res chain seq x y z
N LEU A 3 0.17 -35.67 2.40
CA LEU A 3 1.54 -35.36 1.88
C LEU A 3 2.42 -34.79 2.99
N GLY A 4 3.72 -35.03 2.86
CA GLY A 4 4.70 -34.56 3.83
C GLY A 4 5.05 -33.09 3.64
N SER A 5 4.89 -32.55 2.41
CA SER A 5 5.23 -31.14 2.13
C SER A 5 4.06 -30.27 1.72
N ILE A 6 4.09 -29.01 2.15
CA ILE A 6 3.12 -28.00 1.74
C ILE A 6 3.56 -27.54 0.35
N ARG A 7 2.65 -27.55 -0.61
CA ARG A 7 2.99 -27.30 -2.02
C ARG A 7 2.72 -25.82 -2.29
N VAL A 8 3.79 -25.11 -2.58
CA VAL A 8 3.73 -23.67 -2.74
C VAL A 8 3.82 -23.22 -4.17
N MET A 9 3.00 -22.25 -4.53
CA MET A 9 3.21 -21.46 -5.74
C MET A 9 3.77 -20.10 -5.35
N LEU A 10 4.91 -19.77 -5.93
CA LEU A 10 5.66 -18.57 -5.57
C LEU A 10 5.61 -17.62 -6.73
N ILE A 11 5.16 -16.40 -6.49
CA ILE A 11 4.87 -15.41 -7.54
C ILE A 11 5.62 -14.13 -7.23
N ASP A 12 6.41 -13.67 -8.19
CA ASP A 12 7.19 -12.43 -8.06
C ASP A 12 7.66 -12.08 -9.45
N ASP A 13 7.57 -10.81 -9.79
CA ASP A 13 7.97 -10.36 -11.14
CA ASP A 13 7.97 -10.35 -11.14
C ASP A 13 9.47 -10.23 -11.30
N HIS A 14 10.20 -10.32 -10.21
CA HIS A 14 11.66 -10.15 -10.18
C HIS A 14 12.38 -11.42 -9.94
N PRO A 15 12.88 -12.07 -11.03
CA PRO A 15 13.41 -13.47 -10.89
C PRO A 15 14.63 -13.57 -9.97
N VAL A 16 15.40 -12.50 -9.86
CA VAL A 16 16.56 -12.53 -8.95
C VAL A 16 16.12 -12.60 -7.48
N VAL A 17 15.05 -11.86 -7.14
CA VAL A 17 14.48 -11.97 -5.80
C VAL A 17 13.73 -13.29 -5.62
N ARG A 18 12.93 -13.67 -6.63
CA ARG A 18 12.16 -14.90 -6.57
C ARG A 18 13.05 -16.13 -6.31
N ALA A 19 14.22 -16.17 -6.95
CA ALA A 19 15.13 -17.30 -6.80
C ALA A 19 15.64 -17.42 -5.37
N GLY A 20 15.85 -16.29 -4.71
CA GLY A 20 16.35 -16.32 -3.30
C GLY A 20 15.26 -16.88 -2.39
N LEU A 21 14.03 -16.47 -2.66
CA LEU A 21 12.87 -16.90 -1.86
C LEU A 21 12.61 -18.39 -2.07
N ARG A 22 12.75 -18.81 -3.31
CA ARG A 22 12.58 -20.22 -3.66
CA ARG A 22 12.56 -20.21 -3.65
C ARG A 22 13.58 -21.07 -2.90
N SER A 23 14.84 -20.63 -2.90
CA SER A 23 15.88 -21.41 -2.24
CA SER A 23 15.91 -21.40 -2.24
C SER A 23 15.57 -21.56 -0.76
N ILE A 24 15.13 -20.47 -0.13
CA ILE A 24 14.76 -20.53 1.27
C ILE A 24 13.58 -21.45 1.52
N LEU A 25 12.50 -21.29 0.76
CA LEU A 25 11.34 -22.13 0.95
C LEU A 25 11.65 -23.62 0.78
N ASP A 26 12.38 -23.94 -0.31
CA ASP A 26 12.69 -25.35 -0.63
C ASP A 26 13.64 -25.94 0.40
N SER A 27 14.40 -25.08 1.10
CA SER A 27 15.34 -25.58 2.10
C SER A 27 14.65 -26.24 3.31
N PHE A 28 13.38 -25.95 3.58
CA PHE A 28 12.62 -26.62 4.60
C PHE A 28 12.07 -27.96 4.17
N ASP A 29 12.24 -28.98 5.03
CA ASP A 29 11.80 -30.35 4.70
CA ASP A 29 11.83 -30.32 4.61
C ASP A 29 10.30 -30.50 4.47
N ASP A 30 9.51 -29.52 4.91
CA ASP A 30 8.06 -29.58 4.85
C ASP A 30 7.40 -28.59 3.89
N ILE A 31 8.24 -27.97 3.07
CA ILE A 31 7.80 -27.06 2.04
C ILE A 31 8.46 -27.37 0.71
N THR A 32 7.65 -27.36 -0.32
CA THR A 32 8.13 -27.55 -1.67
C THR A 32 7.51 -26.51 -2.61
N VAL A 33 8.34 -25.80 -3.35
CA VAL A 33 7.83 -24.89 -4.37
C VAL A 33 7.54 -25.69 -5.62
N VAL A 34 6.27 -25.92 -5.88
CA VAL A 34 5.84 -26.71 -7.04
C VAL A 34 5.54 -25.91 -8.30
N ALA A 35 5.49 -24.58 -8.19
CA ALA A 35 5.10 -23.70 -9.32
C ALA A 35 5.65 -22.30 -9.04
N GLU A 36 6.00 -21.60 -10.11
CA GLU A 36 6.39 -20.18 -10.01
C GLU A 36 5.72 -19.38 -11.09
N ALA A 37 5.46 -18.11 -10.84
CA ALA A 37 4.93 -17.26 -11.87
C ALA A 37 5.51 -15.88 -11.70
N SER A 38 5.39 -15.06 -12.74
CA SER A 38 5.90 -13.67 -12.69
C SER A 38 4.78 -12.61 -12.53
N ASP A 39 3.52 -13.05 -12.55
CA ASP A 39 2.39 -12.21 -12.18
CA ASP A 39 2.37 -12.20 -12.20
C ASP A 39 1.18 -13.11 -11.86
N GLY A 40 0.04 -12.50 -11.54
CA GLY A 40 -1.10 -13.26 -11.09
C GLY A 40 -2.11 -13.64 -12.15
N SER A 41 -1.77 -13.50 -13.41
CA SER A 41 -2.69 -13.76 -14.52
CA SER A 41 -2.72 -13.76 -14.48
C SER A 41 -2.81 -15.25 -14.85
N ASN A 42 -4.03 -15.69 -15.15
CA ASN A 42 -4.26 -17.10 -15.65
C ASN A 42 -3.81 -18.24 -14.76
N ILE A 43 -3.69 -18.03 -13.46
CA ILE A 43 -3.04 -18.95 -12.57
C ILE A 43 -3.96 -20.17 -12.35
N ASN A 44 -3.34 -21.34 -12.51
CA ASN A 44 -3.97 -22.63 -12.21
C ASN A 44 -3.52 -23.07 -10.83
N THR A 45 -4.47 -23.15 -9.88
CA THR A 45 -4.11 -23.47 -8.49
C THR A 45 -4.35 -24.93 -8.13
N LYS A 46 -4.56 -25.77 -9.13
CA LYS A 46 -4.77 -27.19 -8.81
C LYS A 46 -3.50 -27.77 -8.26
N GLY A 47 -3.59 -28.39 -7.10
CA GLY A 47 -2.39 -28.94 -6.46
C GLY A 47 -1.57 -27.93 -5.65
N ILE A 48 -2.07 -26.71 -5.51
CA ILE A 48 -1.36 -25.64 -4.78
C ILE A 48 -1.98 -25.46 -3.42
N ASP A 49 -1.18 -25.66 -2.38
CA ASP A 49 -1.68 -25.53 -0.99
C ASP A 49 -1.64 -24.07 -0.48
N VAL A 50 -0.61 -23.33 -0.89
CA VAL A 50 -0.40 -21.94 -0.46
C VAL A 50 0.16 -21.16 -1.65
N VAL A 51 -0.37 -19.98 -1.89
CA VAL A 51 0.23 -19.06 -2.81
C VAL A 51 1.03 -18.02 -2.03
N VAL A 52 2.29 -17.88 -2.40
CA VAL A 52 3.17 -16.89 -1.78
C VAL A 52 3.45 -15.85 -2.85
N THR A 53 3.04 -14.60 -2.61
CA THR A 53 3.10 -13.59 -3.67
C THR A 53 3.62 -12.23 -3.17
N ASP A 54 4.36 -11.59 -4.08
CA ASP A 54 4.71 -10.18 -4.10
CA ASP A 54 4.72 -10.18 -4.17
C ASP A 54 3.50 -9.26 -4.33
N ILE A 55 3.66 -7.94 -4.10
CA ILE A 55 2.61 -7.00 -4.44
C ILE A 55 2.79 -6.43 -5.86
N GLN A 56 3.94 -5.82 -6.14
CA GLN A 56 4.22 -5.05 -7.37
CA GLN A 56 4.15 -5.05 -7.38
C GLN A 56 4.50 -5.91 -8.57
N MET A 57 3.51 -6.17 -9.44
CA MET A 57 3.76 -6.97 -10.65
C MET A 57 2.89 -6.41 -11.76
N PRO A 58 3.40 -6.40 -13.00
CA PRO A 58 2.62 -5.89 -14.11
C PRO A 58 1.51 -6.88 -14.46
N GLY A 59 0.46 -6.40 -15.07
CA GLY A 59 -0.63 -7.26 -15.45
C GLY A 59 -1.55 -7.47 -14.28
N THR A 60 -1.41 -8.57 -13.57
CA THR A 60 -2.22 -8.80 -12.39
C THR A 60 -1.29 -8.76 -11.20
N ASP A 61 -1.48 -7.77 -10.35
CA ASP A 61 -0.63 -7.60 -9.19
C ASP A 61 -1.13 -8.48 -8.03
N GLY A 62 -0.38 -8.49 -6.94
CA GLY A 62 -0.66 -9.39 -5.83
C GLY A 62 -1.94 -8.98 -5.10
N ILE A 63 -2.31 -7.69 -5.13
CA ILE A 63 -3.57 -7.24 -4.52
C ILE A 63 -4.79 -7.83 -5.29
N THR A 64 -4.75 -7.70 -6.63
CA THR A 64 -5.81 -8.21 -7.46
C THR A 64 -5.85 -9.73 -7.36
N LEU A 65 -4.69 -10.36 -7.36
CA LEU A 65 -4.62 -11.82 -7.21
C LEU A 65 -5.24 -12.33 -5.89
N THR A 66 -4.91 -11.64 -4.80
CA THR A 66 -5.49 -11.96 -3.49
C THR A 66 -7.01 -11.94 -3.52
N ARG A 67 -7.58 -10.89 -4.08
CA ARG A 67 -9.03 -10.75 -4.16
C ARG A 67 -9.64 -11.81 -5.07
N ALA A 68 -8.95 -12.11 -6.15
CA ALA A 68 -9.44 -13.08 -7.13
C ALA A 68 -9.49 -14.45 -6.53
N LEU A 69 -8.42 -14.81 -5.80
CA LEU A 69 -8.42 -16.11 -5.14
C LEU A 69 -9.47 -16.21 -4.04
N ALA A 70 -9.68 -15.10 -3.34
CA ALA A 70 -10.71 -15.06 -2.29
C ALA A 70 -12.10 -15.33 -2.98
N ASN A 71 -12.32 -14.69 -4.11
CA ASN A 71 -13.62 -14.81 -4.83
C ASN A 71 -13.82 -16.24 -5.29
N ALA A 72 -12.74 -16.92 -5.66
CA ALA A 72 -12.79 -18.31 -6.12
C ALA A 72 -12.81 -19.33 -4.99
N GLY A 73 -12.58 -18.94 -3.75
CA GLY A 73 -12.42 -19.90 -2.64
C GLY A 73 -11.14 -20.72 -2.92
N GLY A 74 -10.08 -20.03 -3.34
CA GLY A 74 -8.83 -20.60 -3.93
C GLY A 74 -7.96 -20.86 -2.77
N PRO A 75 -6.69 -21.17 -3.00
CA PRO A 75 -5.86 -21.42 -1.83
C PRO A 75 -5.57 -20.14 -1.08
N PRO A 76 -5.20 -20.26 0.19
CA PRO A 76 -4.86 -19.09 0.98
C PRO A 76 -3.55 -18.50 0.50
N VAL A 77 -3.40 -17.19 0.73
CA VAL A 77 -2.31 -16.38 0.20
C VAL A 77 -1.47 -15.77 1.32
N LEU A 78 -0.15 -15.88 1.18
CA LEU A 78 0.79 -15.17 2.01
C LEU A 78 1.39 -14.07 1.15
N ILE A 79 1.20 -12.80 1.52
CA ILE A 79 1.78 -11.67 0.81
C ILE A 79 3.10 -11.30 1.46
N LEU A 80 4.11 -11.19 0.60
CA LEU A 80 5.47 -10.75 0.99
C LEU A 80 5.75 -9.38 0.46
N THR A 81 6.35 -8.55 1.30
CA THR A 81 6.73 -7.23 0.83
C THR A 81 8.00 -6.78 1.53
N THR A 82 8.38 -5.53 1.30
CA THR A 82 9.53 -4.93 1.99
C THR A 82 9.06 -3.72 2.83
N TYR A 83 9.79 -3.43 3.85
CA TYR A 83 9.36 -2.39 4.81
C TYR A 83 9.29 -1.02 4.15
N ASP A 84 10.08 -0.83 3.11
CA ASP A 84 10.17 0.43 2.39
C ASP A 84 9.60 0.35 1.01
N THR A 85 8.63 -0.56 0.80
CA THR A 85 8.14 -0.77 -0.51
C THR A 85 7.47 0.48 -1.08
N GLU A 86 7.60 0.65 -2.37
CA GLU A 86 6.86 1.69 -3.05
C GLU A 86 5.46 1.23 -3.48
N ALA A 87 5.14 -0.05 -3.31
CA ALA A 87 3.81 -0.56 -3.63
C ALA A 87 2.73 -0.01 -2.70
N ASP A 88 1.48 -0.31 -3.04
CA ASP A 88 0.33 0.15 -2.27
C ASP A 88 0.09 -0.81 -1.13
N ILE A 89 0.88 -0.62 -0.07
CA ILE A 89 0.85 -1.55 1.05
C ILE A 89 -0.54 -1.48 1.75
N LEU A 90 -1.16 -0.32 1.83
CA LEU A 90 -2.50 -0.25 2.43
C LEU A 90 -3.50 -1.08 1.62
N ALA A 91 -3.50 -0.93 0.29
CA ALA A 91 -4.44 -1.76 -0.52
C ALA A 91 -4.15 -3.24 -0.35
N ALA A 92 -2.87 -3.61 -0.21
CA ALA A 92 -2.49 -5.01 0.00
C ALA A 92 -3.03 -5.55 1.31
N VAL A 93 -2.90 -4.74 2.37
CA VAL A 93 -3.43 -5.14 3.67
C VAL A 93 -4.98 -5.20 3.61
N GLU A 94 -5.58 -4.23 2.96
CA GLU A 94 -7.05 -4.21 2.80
C GLU A 94 -7.60 -5.39 2.03
N ALA A 95 -6.77 -5.99 1.23
CA ALA A 95 -7.20 -7.17 0.46
C ALA A 95 -7.46 -8.38 1.31
N GLY A 96 -6.94 -8.41 2.54
CA GLY A 96 -7.25 -9.51 3.44
C GLY A 96 -6.68 -10.86 3.12
N ALA A 97 -5.41 -10.88 2.70
CA ALA A 97 -4.69 -12.15 2.57
C ALA A 97 -4.62 -12.83 3.94
N MET A 98 -4.54 -14.15 3.92
CA MET A 98 -4.38 -14.94 5.13
C MET A 98 -3.16 -14.48 5.91
N GLY A 99 -2.03 -14.28 5.21
CA GLY A 99 -0.81 -13.84 5.90
C GLY A 99 -0.05 -12.75 5.21
N TYR A 100 0.78 -12.06 5.99
CA TYR A 100 1.63 -10.97 5.51
C TYR A 100 2.96 -11.15 6.24
N LEU A 101 4.03 -10.95 5.52
CA LEU A 101 5.40 -11.04 6.08
C LEU A 101 6.33 -10.21 5.26
N LEU A 102 7.41 -9.72 5.87
CA LEU A 102 8.44 -9.09 5.07
C LEU A 102 9.39 -10.09 4.45
N LYS A 103 9.90 -9.76 3.28
CA LYS A 103 10.79 -10.69 2.53
C LYS A 103 12.11 -11.00 3.18
N ASP A 104 12.57 -10.10 4.03
CA ASP A 104 13.80 -10.34 4.80
C ASP A 104 13.58 -10.71 6.27
N ALA A 105 12.41 -11.22 6.60
CA ALA A 105 12.16 -11.83 7.88
C ALA A 105 13.13 -13.00 8.09
N PRO A 106 13.33 -13.39 9.32
CA PRO A 106 14.08 -14.63 9.60
C PRO A 106 13.51 -15.82 8.81
N GLU A 107 14.38 -16.69 8.31
CA GLU A 107 13.87 -17.85 7.53
C GLU A 107 12.85 -18.67 8.28
N SER A 108 13.05 -18.83 9.59
CA SER A 108 12.12 -19.59 10.41
C SER A 108 10.71 -18.95 10.40
N ALA A 109 10.71 -17.64 10.36
CA ALA A 109 9.44 -16.87 10.30
C ALA A 109 8.74 -17.06 8.96
N LEU A 110 9.48 -17.17 7.89
CA LEU A 110 8.89 -17.48 6.59
C LEU A 110 8.29 -18.89 6.63
N HIS A 111 9.03 -19.87 7.17
CA HIS A 111 8.51 -21.21 7.33
C HIS A 111 7.23 -21.21 8.13
N ASP A 112 7.26 -20.55 9.30
CA ASP A 112 6.11 -20.54 10.14
C ASP A 112 4.90 -19.85 9.50
N ALA A 113 5.16 -18.78 8.74
CA ALA A 113 4.10 -18.09 7.97
C ALA A 113 3.45 -18.98 6.90
N VAL A 114 4.27 -19.76 6.22
CA VAL A 114 3.72 -20.73 5.26
C VAL A 114 2.87 -21.78 5.95
N VAL A 115 3.34 -22.33 7.03
CA VAL A 115 2.54 -23.30 7.73
C VAL A 115 1.25 -22.73 8.26
N ALA A 116 1.30 -21.55 8.87
CA ALA A 116 0.11 -20.87 9.40
C ALA A 116 -0.92 -20.62 8.34
N THR A 117 -0.43 -20.19 7.17
CA THR A 117 -1.31 -19.89 6.02
C THR A 117 -2.01 -21.15 5.56
N PHE A 118 -1.26 -22.21 5.45
CA PHE A 118 -1.81 -23.53 5.10
C PHE A 118 -2.88 -24.01 6.07
N GLU A 119 -2.65 -23.79 7.36
CA GLU A 119 -3.60 -24.20 8.41
C GLU A 119 -4.73 -23.22 8.62
N GLY A 120 -4.74 -22.12 7.91
CA GLY A 120 -5.84 -21.17 7.97
C GLY A 120 -5.75 -20.27 9.18
N ARG A 121 -4.55 -20.05 9.69
CA ARG A 121 -4.29 -19.10 10.77
C ARG A 121 -3.70 -17.82 10.21
N ARG A 122 -4.20 -16.67 10.66
CA ARG A 122 -3.72 -15.37 10.19
C ARG A 122 -2.30 -15.11 10.59
N THR A 123 -1.49 -14.49 9.72
CA THR A 123 -0.20 -13.93 10.10
C THR A 123 -0.24 -12.47 9.82
N LEU A 124 -0.45 -11.68 10.86
CA LEU A 124 -0.43 -10.22 10.70
C LEU A 124 0.87 -9.73 11.29
N ALA A 125 1.94 -9.94 10.54
CA ALA A 125 3.26 -9.82 11.13
C ALA A 125 3.47 -8.38 11.67
N PRO A 126 3.97 -8.28 12.91
CA PRO A 126 4.19 -6.92 13.47
C PRO A 126 5.04 -6.04 12.61
N GLU A 127 6.03 -6.60 11.90
CA GLU A 127 6.87 -5.80 11.05
C GLU A 127 6.12 -5.22 9.87
N VAL A 128 5.13 -5.96 9.37
CA VAL A 128 4.31 -5.46 8.30
C VAL A 128 3.38 -4.35 8.82
N ALA A 129 2.80 -4.60 9.97
CA ALA A 129 1.96 -3.61 10.62
C ALA A 129 2.72 -2.33 10.85
N ASN A 130 3.96 -2.43 11.33
CA ASN A 130 4.76 -1.26 11.55
CA ASN A 130 4.78 -1.20 11.49
C ASN A 130 5.04 -0.49 10.20
N ALA A 131 5.37 -1.21 9.12
CA ALA A 131 5.59 -0.63 7.80
C ALA A 131 4.34 0.09 7.29
N LEU A 132 3.18 -0.49 7.56
CA LEU A 132 1.93 0.10 7.13
C LEU A 132 1.70 1.41 7.86
N MET A 133 1.91 1.41 9.18
CA MET A 133 1.72 2.62 9.99
CA MET A 133 1.69 2.61 9.98
C MET A 133 2.65 3.72 9.57
N GLN A 134 3.90 3.37 9.33
CA GLN A 134 4.88 4.35 8.84
CA GLN A 134 4.86 4.39 8.86
C GLN A 134 4.47 4.96 7.52
N ARG A 135 3.95 4.12 6.60
CA ARG A 135 3.57 4.59 5.29
C ARG A 135 2.37 5.53 5.36
N VAL A 136 1.34 5.13 6.06
CA VAL A 136 0.13 5.91 5.98
C VAL A 136 0.03 7.07 6.95
N SER A 137 0.75 7.05 8.04
CA SER A 137 0.62 8.10 9.09
C SER A 137 1.63 9.23 8.87
N LYS A 138 1.38 10.05 7.86
CA LYS A 138 2.28 11.18 7.50
C LYS A 138 1.83 12.51 8.12
N PRO A 139 2.62 13.12 8.98
CA PRO A 139 2.26 14.41 9.58
C PRO A 139 2.32 15.45 8.50
N ARG A 140 1.35 16.35 8.49
CA ARG A 140 1.23 17.29 7.39
C ARG A 140 1.72 18.63 7.90
N GLN A 141 2.21 19.45 6.98
CA GLN A 141 2.78 20.73 7.37
C GLN A 141 1.68 21.77 7.67
N ALA A 142 2.03 22.77 8.44
CA ALA A 142 1.10 23.84 8.75
C ALA A 142 0.80 24.60 7.49
N LEU A 143 -0.31 25.32 7.48
CA LEU A 143 -0.52 26.29 6.41
C LEU A 143 0.62 27.31 6.46
N SER A 144 1.06 27.77 5.29
CA SER A 144 2.13 28.73 5.25
C SER A 144 1.59 30.17 5.45
N ALA A 145 2.50 31.10 5.60
CA ALA A 145 2.13 32.49 5.79
C ALA A 145 1.32 32.96 4.58
N ARG A 146 1.74 32.55 3.38
CA ARG A 146 1.06 32.94 2.15
C ARG A 146 -0.36 32.41 2.12
N GLU A 147 -0.51 31.16 2.53
CA GLU A 147 -1.82 30.56 2.54
C GLU A 147 -2.76 31.26 3.57
N ILE A 148 -2.23 31.61 4.73
CA ILE A 148 -3.01 32.35 5.74
C ILE A 148 -3.43 33.70 5.21
N GLU A 149 -2.50 34.38 4.52
CA GLU A 149 -2.78 35.66 3.90
C GLU A 149 -3.85 35.55 2.89
N ILE A 150 -3.82 34.51 2.06
CA ILE A 150 -4.88 34.34 1.11
C ILE A 150 -6.23 34.13 1.80
N LEU A 151 -6.25 33.26 2.81
CA LEU A 151 -7.53 33.04 3.56
C LEU A 151 -8.08 34.33 4.17
N GLN A 152 -7.21 35.13 4.77
CA GLN A 152 -7.62 36.40 5.42
C GLN A 152 -8.24 37.33 4.37
N ASN A 153 -7.67 37.32 3.16
CA ASN A 153 -8.29 38.12 2.10
C ASN A 153 -9.54 37.51 1.47
N LEU A 154 -9.61 36.18 1.40
CA LEU A 154 -10.83 35.52 0.96
C LEU A 154 -11.98 35.89 1.91
N GLU A 155 -11.65 35.98 3.20
CA GLU A 155 -12.67 36.32 4.25
C GLU A 155 -13.28 37.71 3.98
N GLN A 156 -12.48 38.62 3.43
CA GLN A 156 -12.95 39.96 3.09
C GLN A 156 -13.73 40.03 1.77
N GLY A 157 -13.93 38.89 1.12
CA GLY A 157 -14.77 38.74 -0.03
C GLY A 157 -14.08 38.97 -1.36
N LEU A 158 -12.75 38.84 -1.41
CA LEU A 158 -12.04 39.15 -2.65
C LEU A 158 -12.15 38.00 -3.62
N SER A 159 -12.32 38.32 -4.91
CA SER A 159 -12.28 37.34 -6.00
C SER A 159 -10.81 36.97 -6.26
N ASN A 160 -10.61 35.94 -7.07
CA ASN A 160 -9.26 35.54 -7.48
C ASN A 160 -8.51 36.69 -8.13
N ARG A 161 -9.20 37.52 -8.93
CA ARG A 161 -8.54 38.64 -9.60
C ARG A 161 -8.14 39.69 -8.60
N GLN A 162 -9.01 39.95 -7.63
CA GLN A 162 -8.69 40.93 -6.63
C GLN A 162 -7.53 40.50 -5.74
N LEU A 163 -7.48 39.21 -5.45
CA LEU A 163 -6.40 38.62 -4.66
C LEU A 163 -5.11 38.78 -5.40
N ALA A 164 -5.12 38.49 -6.70
CA ALA A 164 -3.91 38.62 -7.51
C ALA A 164 -3.40 40.03 -7.48
N ALA A 165 -4.30 40.99 -7.64
CA ALA A 165 -3.92 42.38 -7.71
C ALA A 165 -3.35 42.86 -6.37
N LYS A 166 -3.99 42.45 -5.27
CA LYS A 166 -3.58 42.90 -3.97
C LYS A 166 -2.27 42.28 -3.49
N LEU A 167 -2.07 41.00 -3.81
CA LEU A 167 -0.91 40.27 -3.33
C LEU A 167 0.27 40.28 -4.34
N PHE A 168 0.01 40.82 -5.52
CA PHE A 168 1.00 40.85 -6.63
C PHE A 168 1.49 39.50 -7.03
N ILE A 169 0.56 38.57 -7.18
CA ILE A 169 0.87 37.26 -7.73
C ILE A 169 -0.19 36.98 -8.79
N SER A 170 0.09 36.08 -9.71
CA SER A 170 -0.81 35.86 -10.82
C SER A 170 -2.08 35.15 -10.35
N GLU A 171 -3.16 35.34 -11.07
CA GLU A 171 -4.39 34.54 -10.80
C GLU A 171 -4.17 33.02 -10.80
N ALA A 172 -3.33 32.53 -11.69
CA ALA A 172 -2.96 31.09 -11.68
C ALA A 172 -2.24 30.63 -10.41
N THR A 173 -1.33 31.47 -9.91
CA THR A 173 -0.61 31.21 -8.66
C THR A 173 -1.64 31.19 -7.50
N VAL A 174 -2.54 32.17 -7.52
CA VAL A 174 -3.67 32.22 -6.51
C VAL A 174 -4.45 30.91 -6.55
N LYS A 175 -4.86 30.52 -7.75
CA LYS A 175 -5.64 29.28 -7.90
C LYS A 175 -4.89 28.00 -7.40
N THR A 176 -3.62 27.88 -7.68
CA THR A 176 -2.80 26.79 -7.17
C THR A 176 -2.77 26.74 -5.65
N HIS A 177 -2.59 27.90 -5.02
CA HIS A 177 -2.62 28.00 -3.58
C HIS A 177 -3.98 27.56 -3.06
N LEU A 178 -5.05 28.04 -3.68
CA LEU A 178 -6.41 27.65 -3.24
C LEU A 178 -6.59 26.15 -3.31
N VAL A 179 -6.09 25.52 -4.37
CA VAL A 179 -6.18 24.03 -4.41
C VAL A 179 -5.54 23.39 -3.20
N HIS A 180 -4.37 23.87 -2.80
CA HIS A 180 -3.67 23.27 -1.71
CA HIS A 180 -3.61 23.29 -1.72
C HIS A 180 -4.38 23.58 -0.41
N ILE A 181 -4.88 24.80 -0.29
CA ILE A 181 -5.58 25.20 0.97
C ILE A 181 -6.83 24.35 1.16
N TYR A 182 -7.61 24.19 0.09
CA TYR A 182 -8.87 23.45 0.16
C TYR A 182 -8.60 22.01 0.54
N SER A 183 -7.53 21.46 0.02
CA SER A 183 -7.14 20.09 0.37
C SER A 183 -6.81 20.00 1.89
N LYS A 184 -6.01 20.92 2.41
CA LYS A 184 -5.64 20.95 3.83
CA LYS A 184 -5.66 20.89 3.82
C LYS A 184 -6.85 21.13 4.75
N LEU A 185 -7.79 21.93 4.31
CA LEU A 185 -9.02 22.24 5.08
C LEU A 185 -10.13 21.20 4.95
N GLY A 186 -10.02 20.30 3.97
CA GLY A 186 -11.07 19.31 3.72
C GLY A 186 -12.31 19.86 3.06
N VAL A 187 -12.15 20.86 2.18
CA VAL A 187 -13.31 21.54 1.57
C VAL A 187 -13.07 21.63 0.09
N ASP A 188 -14.05 22.14 -0.65
CA ASP A 188 -13.86 22.27 -2.11
C ASP A 188 -14.37 23.57 -2.70
N ASN A 189 -14.62 24.57 -1.86
CA ASN A 189 -14.97 25.87 -2.34
C ASN A 189 -14.59 26.94 -1.31
N ARG A 190 -14.62 28.18 -1.77
CA ARG A 190 -14.14 29.33 -0.99
C ARG A 190 -14.97 29.67 0.26
N THR A 191 -16.30 29.57 0.17
CA THR A 191 -17.16 29.79 1.33
C THR A 191 -16.91 28.77 2.43
N ALA A 192 -16.76 27.50 2.06
CA ALA A 192 -16.51 26.45 3.02
C ALA A 192 -15.10 26.59 3.61
N ALA A 193 -14.16 27.06 2.78
CA ALA A 193 -12.81 27.32 3.27
C ALA A 193 -12.78 28.37 4.37
N ILE A 194 -13.55 29.41 4.19
CA ILE A 194 -13.60 30.45 5.21
C ILE A 194 -14.20 29.89 6.50
N THR A 195 -15.31 29.18 6.39
CA THR A 195 -15.90 28.52 7.58
C THR A 195 -14.91 27.58 8.27
N ALA A 196 -14.21 26.75 7.52
CA ALA A 196 -13.24 25.86 8.13
C ALA A 196 -12.09 26.62 8.78
N ALA A 197 -11.62 27.69 8.12
CA ALA A 197 -10.50 28.46 8.63
C ALA A 197 -10.90 29.16 9.93
N ARG A 198 -12.15 29.58 10.01
CA ARG A 198 -12.67 30.15 11.26
C ARG A 198 -12.82 29.12 12.40
N GLN A 199 -13.34 27.93 12.09
CA GLN A 199 -13.48 26.87 13.09
C GLN A 199 -12.13 26.43 13.60
N GLN A 200 -11.17 26.42 12.70
CA GLN A 200 -9.82 25.99 13.01
C GLN A 200 -8.93 27.07 13.60
N ARG A 201 -9.49 28.25 13.71
CA ARG A 201 -8.79 29.40 14.29
C ARG A 201 -7.46 29.76 13.60
N LEU A 202 -7.50 29.70 12.29
CA LEU A 202 -6.32 29.88 11.45
C LEU A 202 -6.09 31.33 11.02
N ILE A 203 -7.15 32.14 10.98
CA ILE A 203 -7.14 33.48 10.40
C ILE A 203 -7.51 34.62 11.34
S SO4 B . 6.76 -5.67 -3.13
O1 SO4 B . 8.06 -5.97 -2.53
O2 SO4 B . 6.56 -4.22 -3.16
O3 SO4 B . 6.52 -6.15 -4.51
O4 SO4 B . 5.64 -6.30 -2.29
S SO4 C . 10.79 -14.80 -15.25
O1 SO4 C . 11.64 -14.00 -16.12
O2 SO4 C . 10.23 -13.92 -14.16
O3 SO4 C . 9.66 -15.33 -16.04
O4 SO4 C . 11.59 -15.93 -14.68
S SO4 D . -13.98 28.46 -5.62
O1 SO4 D . -12.66 29.05 -5.23
O2 SO4 D . -14.52 29.12 -6.80
O3 SO4 D . -13.55 27.08 -5.86
O4 SO4 D . -15.05 28.53 -4.63
S SO4 E . 16.95 -17.65 10.67
O1 SO4 E . 16.97 -16.63 9.53
O2 SO4 E . 18.26 -18.40 10.59
O3 SO4 E . 15.85 -18.67 10.65
O4 SO4 E . 16.80 -17.12 12.07
MG MG F . 8.91 -8.50 -6.79
MG MG G . -8.36 37.52 11.25
MG MG H . 10.53 -22.85 14.97
MG MG I . 11.64 -28.75 0.78
MG MG J . -5.97 -26.30 -0.28
MG MG K . 17.84 -12.92 8.33
MG MG L . 19.37 -21.36 2.59
#